data_5UBX
#
_entry.id   5UBX
#
_cell.length_a   101.490
_cell.length_b   101.490
_cell.length_c   135.070
_cell.angle_alpha   90.00
_cell.angle_beta   90.00
_cell.angle_gamma   90.00
#
_symmetry.space_group_name_H-M   'P 43 21 2'
#
loop_
_entity.id
_entity.type
_entity.pdbx_description
1 polymer 'Ig gamma-2B chain C region'
2 polymer 'Ig gamma-2B chain C region'
3 polymer 'Peptide analog of B-domain from Protein A - Z34C'
4 branched 2-acetamido-2-deoxy-beta-D-glucopyranose-(1-2)-alpha-D-mannopyranose-(1-3)-[2-acetamido-2-deoxy-beta-D-glucopyranose-(1-2)-alpha-D-mannopyranose-(1-6)]beta-D-mannopyranose-(1-4)-2-acetamido-2-deoxy-beta-D-glucopyranose
5 branched 2-acetamido-2-deoxy-beta-D-glucopyranose-(1-2)-alpha-D-mannopyranose-(1-3)-[2-acetamido-2-deoxy-beta-D-glucopyranose-(1-2)-alpha-D-mannopyranose-(1-6)]beta-D-mannopyranose-(1-4)-2-acetamido-2-deoxy-beta-D-glucopyranose-(1-4)-[alpha-L-fucopyranose-(1-6)]2-acetamido-2-deoxy-beta-D-glucopyranose
6 water water
#
loop_
_entity_poly.entity_id
_entity_poly.type
_entity_poly.pdbx_seq_one_letter_code
_entity_poly.pdbx_strand_id
1 'polypeptide(L)'
;GSCPPCKECHKCPAPNLEGGPSVFIFPPNIKDVLMISLTPKVTCVVVDVSEDDPDVQISWFVNNVEVHTAQTQTHREDYN
STIRVVSTLTILHQDWMSGKEFKCKVNNKDLPSPIERTISKIKGLVRAPQVYILPPPAEQLSRKDVSLTCLVKGFNPGDI
SVEWTSNGHTEENYKDTAPVLDSDGSYFIYSRLNMKTSKWEKTDSFSCNVRHEGLKNYYLKKTISRSPGK
;
A
2 'polypeptide(L)'
;HHHHHHGSCPPCKECHKCPAPNLEGGPSVFIFPPNIKDVLMDSLTPKVTCVVVDVSEDDPDVQISWFVNNVEVHTAQTQT
HREDYNSTIRVVSTLPIQHQDWMSGKEFKCKVNNKDLPSPIERTISKIKGLVRAPQVYILPPPAEQLSRKDVSLTCLVVG
FNPGDISVEWTSNGHTEENYKDTAPVLDSDGSYLIYSKLNMKTSKWEKTDSFSCNVRHEGLKNYYLKKTISRSPGK
;
B
3 'polypeptide(L)' FNMQCQRRFYEALHDPNLNEEQRNAKIKSIRDDC Z
#
loop_
_chem_comp.id
_chem_comp.type
_chem_comp.name
_chem_comp.formula
BMA D-saccharide, beta linking beta-D-mannopyranose 'C6 H12 O6'
FUC L-saccharide, alpha linking alpha-L-fucopyranose 'C6 H12 O5'
MAN D-saccharide, alpha linking alpha-D-mannopyranose 'C6 H12 O6'
NAG D-saccharide, beta linking 2-acetamido-2-deoxy-beta-D-glucopyranose 'C8 H15 N O6'
#
# COMPACT_ATOMS: atom_id res chain seq x y z
N PHE A 24 15.59 12.69 -5.50
CA PHE A 24 14.24 12.16 -5.41
C PHE A 24 13.17 13.27 -5.42
N ILE A 25 12.43 13.37 -6.52
CA ILE A 25 11.36 14.36 -6.64
C ILE A 25 9.98 13.72 -6.39
N PHE A 26 9.02 14.49 -5.87
CA PHE A 26 7.72 13.92 -5.47
C PHE A 26 6.51 14.78 -5.86
N PRO A 27 5.42 14.14 -6.29
CA PRO A 27 4.20 14.85 -6.72
C PRO A 27 3.41 15.38 -5.53
N PRO A 28 2.48 16.32 -5.79
CA PRO A 28 1.61 16.81 -4.72
C PRO A 28 0.69 15.72 -4.22
N ASN A 29 0.36 15.76 -2.94
CA ASN A 29 -0.60 14.82 -2.37
C ASN A 29 -1.91 14.92 -3.13
N ILE A 30 -2.53 13.79 -3.45
CA ILE A 30 -3.74 13.80 -4.28
C ILE A 30 -4.88 14.63 -3.70
N LYS A 31 -5.00 14.64 -2.38
CA LYS A 31 -6.04 15.43 -1.73
C LYS A 31 -5.80 16.93 -1.85
N ASP A 32 -4.52 17.32 -1.78
CA ASP A 32 -4.18 18.73 -1.88
C ASP A 32 -4.43 19.22 -3.29
N VAL A 33 -4.25 18.35 -4.27
CA VAL A 33 -4.43 18.73 -5.66
C VAL A 33 -5.90 18.88 -6.01
N LEU A 34 -6.74 17.98 -5.50
CA LEU A 34 -8.14 17.95 -5.91
C LEU A 34 -9.01 18.94 -5.15
N MET A 35 -8.52 19.39 -4.01
CA MET A 35 -9.31 20.31 -3.20
C MET A 35 -8.80 21.74 -3.34
N ILE A 36 -9.72 22.64 -3.66
CA ILE A 36 -9.37 24.02 -3.93
C ILE A 36 -9.01 24.72 -2.62
N SER A 37 -9.57 24.23 -1.52
CA SER A 37 -9.26 24.76 -0.20
C SER A 37 -7.93 24.26 0.34
N LEU A 38 -7.21 23.47 -0.44
CA LEU A 38 -5.89 22.98 0.00
C LEU A 38 -4.75 23.50 -0.88
N THR A 39 -3.53 23.37 -0.36
CA THR A 39 -2.34 23.87 -1.04
C THR A 39 -1.46 22.70 -1.47
N PRO A 40 -1.49 22.36 -2.77
CA PRO A 40 -0.64 21.31 -3.31
C PRO A 40 0.81 21.74 -3.42
N LYS A 41 1.70 20.85 -3.02
CA LYS A 41 3.12 21.13 -3.09
C LYS A 41 3.88 20.04 -3.85
N VAL A 42 4.68 20.44 -4.83
CA VAL A 42 5.67 19.53 -5.38
C VAL A 42 6.90 19.58 -4.48
N THR A 43 7.41 18.41 -4.12
CA THR A 43 8.53 18.31 -3.19
C THR A 43 9.76 17.79 -3.89
N CYS A 44 10.92 18.25 -3.45
CA CYS A 44 12.19 17.75 -3.97
C CYS A 44 13.10 17.42 -2.81
N VAL A 45 13.61 16.20 -2.78
CA VAL A 45 14.50 15.78 -1.71
C VAL A 45 15.88 15.40 -2.24
N VAL A 46 16.91 15.93 -1.58
CA VAL A 46 18.29 15.68 -1.98
C VAL A 46 18.93 14.62 -1.08
N VAL A 47 19.36 13.51 -1.70
CA VAL A 47 20.01 12.44 -0.98
C VAL A 47 21.52 12.55 -1.15
N ASP A 48 22.26 11.95 -0.22
CA ASP A 48 23.72 11.99 -0.23
C ASP A 48 24.26 13.41 -0.05
N VAL A 49 24.08 13.95 1.16
CA VAL A 49 24.61 15.26 1.52
C VAL A 49 25.17 15.25 2.93
N SER A 50 26.34 15.86 3.11
CA SER A 50 27.05 15.81 4.39
C SER A 50 26.57 16.85 5.40
N GLU A 51 26.85 16.62 6.67
CA GLU A 51 26.46 17.55 7.73
C GLU A 51 27.39 18.75 7.79
N ASP A 52 28.57 18.60 7.21
CA ASP A 52 29.61 19.62 7.29
C ASP A 52 29.54 20.64 6.13
N ASP A 53 29.04 20.20 4.98
CA ASP A 53 28.83 21.10 3.85
C ASP A 53 27.37 21.08 3.39
N PRO A 54 26.47 21.66 4.22
CA PRO A 54 25.02 21.53 4.01
C PRO A 54 24.43 22.56 3.05
N ASP A 55 25.21 23.55 2.61
CA ASP A 55 24.67 24.58 1.73
C ASP A 55 24.24 24.01 0.38
N VAL A 56 22.94 23.75 0.26
CA VAL A 56 22.38 23.22 -0.98
C VAL A 56 21.59 24.31 -1.68
N GLN A 57 22.03 24.67 -2.89
CA GLN A 57 21.31 25.65 -3.69
C GLN A 57 20.34 24.92 -4.59
N ILE A 58 19.05 25.15 -4.36
CA ILE A 58 18.00 24.47 -5.11
C ILE A 58 17.17 25.46 -5.90
N SER A 59 17.13 25.29 -7.22
CA SER A 59 16.28 26.14 -8.04
C SER A 59 15.05 25.36 -8.50
N TRP A 60 14.05 26.08 -8.98
CA TRP A 60 12.78 25.47 -9.37
C TRP A 60 12.30 26.05 -10.70
N PHE A 61 11.70 25.19 -11.51
CA PHE A 61 11.20 25.60 -12.82
C PHE A 61 9.82 25.03 -13.09
N VAL A 62 8.96 25.86 -13.69
CA VAL A 62 7.64 25.42 -14.12
C VAL A 62 7.50 25.64 -15.61
N ASN A 63 7.59 24.56 -16.38
CA ASN A 63 7.67 24.63 -17.85
C ASN A 63 8.88 25.45 -18.28
N ASN A 64 10.05 25.07 -17.78
CA ASN A 64 11.33 25.73 -18.06
C ASN A 64 11.41 27.21 -17.68
N VAL A 65 10.46 27.67 -16.85
CA VAL A 65 10.48 29.02 -16.34
C VAL A 65 10.81 29.00 -14.85
N GLU A 66 11.89 29.66 -14.46
CA GLU A 66 12.33 29.68 -13.07
C GLU A 66 11.33 30.40 -12.17
N VAL A 67 11.01 29.76 -11.05
CA VAL A 67 10.18 30.35 -10.03
C VAL A 67 11.04 30.50 -8.79
N HIS A 68 10.61 31.32 -7.84
CA HIS A 68 11.45 31.62 -6.69
C HIS A 68 10.76 31.52 -5.34
N THR A 69 9.53 31.01 -5.33
CA THR A 69 8.74 30.97 -4.10
C THR A 69 8.87 29.66 -3.31
N ALA A 70 10.00 28.98 -3.46
CA ALA A 70 10.18 27.67 -2.84
C ALA A 70 10.67 27.73 -1.39
N GLN A 71 10.05 26.94 -0.53
CA GLN A 71 10.46 26.82 0.86
C GLN A 71 11.48 25.70 1.00
N THR A 72 12.66 26.02 1.53
CA THR A 72 13.71 25.02 1.69
C THR A 72 14.19 24.87 3.14
N GLN A 73 13.86 23.75 3.77
CA GLN A 73 14.37 23.44 5.10
C GLN A 73 15.35 22.28 5.03
N THR A 74 16.14 22.08 6.09
CA THR A 74 17.16 21.03 6.11
C THR A 74 16.88 19.92 7.11
N HIS A 75 17.46 18.74 6.87
CA HIS A 75 17.34 17.60 7.78
C HIS A 75 18.55 16.66 7.64
N ARG A 76 18.76 15.79 8.62
CA ARG A 76 19.91 14.87 8.60
C ARG A 76 19.62 13.49 9.20
N GLU A 77 20.28 12.48 8.65
CA GLU A 77 20.11 11.10 9.12
C GLU A 77 21.25 10.70 10.05
N ILE A 83 22.73 13.56 5.46
CA ILE A 83 21.77 14.66 5.51
C ILE A 83 20.95 14.76 4.22
N ARG A 84 19.68 15.13 4.36
CA ARG A 84 18.79 15.32 3.22
C ARG A 84 18.06 16.66 3.28
N VAL A 85 17.81 17.25 2.12
CA VAL A 85 17.18 18.56 2.03
C VAL A 85 15.79 18.47 1.39
N VAL A 86 14.77 18.99 2.07
CA VAL A 86 13.40 18.96 1.53
C VAL A 86 12.97 20.34 1.03
N SER A 87 13.03 20.53 -0.28
CA SER A 87 12.59 21.78 -0.89
C SER A 87 11.16 21.67 -1.42
N THR A 88 10.29 22.55 -0.94
CA THR A 88 8.88 22.48 -1.22
C THR A 88 8.45 23.64 -2.11
N LEU A 89 7.88 23.34 -3.28
CA LEU A 89 7.28 24.35 -4.13
C LEU A 89 5.76 24.26 -4.16
N THR A 90 5.13 25.39 -3.96
CA THR A 90 3.69 25.53 -4.01
C THR A 90 3.26 25.68 -5.46
N ILE A 91 2.17 25.03 -5.84
CA ILE A 91 1.76 25.01 -7.23
C ILE A 91 0.27 25.23 -7.37
N LEU A 92 -0.15 25.67 -8.54
CA LEU A 92 -1.57 25.81 -8.84
C LEU A 92 -2.19 24.45 -9.13
N HIS A 93 -3.39 24.23 -8.62
CA HIS A 93 -4.09 22.98 -8.84
C HIS A 93 -4.20 22.67 -10.33
N GLN A 94 -4.67 23.65 -11.10
CA GLN A 94 -4.90 23.47 -12.52
C GLN A 94 -3.61 23.18 -13.30
N ASP A 95 -2.50 23.75 -12.84
CA ASP A 95 -1.23 23.54 -13.54
C ASP A 95 -0.73 22.12 -13.42
N TRP A 96 -1.27 21.38 -12.46
CA TRP A 96 -0.90 19.99 -12.35
C TRP A 96 -1.89 19.13 -13.12
N MET A 97 -3.15 19.54 -13.14
CA MET A 97 -4.16 18.82 -13.87
C MET A 97 -3.95 19.00 -15.38
N SER A 98 -3.31 20.11 -15.75
CA SER A 98 -3.00 20.38 -17.14
C SER A 98 -1.66 19.75 -17.52
N GLY A 99 -0.95 19.28 -16.51
CA GLY A 99 0.26 18.50 -16.74
C GLY A 99 1.48 19.31 -17.17
N LYS A 100 1.73 20.42 -16.48
CA LYS A 100 2.95 21.19 -16.71
C LYS A 100 4.13 20.48 -16.05
N GLU A 101 5.34 20.78 -16.52
CA GLU A 101 6.54 20.15 -15.96
C GLU A 101 7.01 20.89 -14.72
N PHE A 102 7.54 20.16 -13.75
CA PHE A 102 8.06 20.77 -12.55
C PHE A 102 9.44 20.18 -12.28
N LYS A 103 10.48 20.96 -12.55
CA LYS A 103 11.84 20.49 -12.36
C LYS A 103 12.51 21.24 -11.23
N CYS A 104 13.33 20.53 -10.45
CA CYS A 104 14.19 21.17 -9.48
C CYS A 104 15.68 20.91 -9.75
N LYS A 105 16.40 21.97 -10.13
CA LYS A 105 17.84 21.87 -10.35
C LYS A 105 18.59 21.98 -9.01
N VAL A 106 19.60 21.15 -8.84
CA VAL A 106 20.36 21.12 -7.59
C VAL A 106 21.87 21.28 -7.81
N ASN A 107 22.46 22.25 -7.11
CA ASN A 107 23.90 22.48 -7.14
C ASN A 107 24.40 23.05 -5.82
N PRO A 114 25.23 19.96 -12.27
CA PRO A 114 24.06 20.00 -11.36
C PRO A 114 23.04 18.91 -11.71
N ILE A 115 22.46 18.28 -10.69
CA ILE A 115 21.44 17.25 -10.90
C ILE A 115 20.05 17.84 -11.08
N GLU A 116 19.34 17.41 -12.11
CA GLU A 116 18.02 17.93 -12.43
C GLU A 116 16.95 16.84 -12.48
N ARG A 117 15.93 16.96 -11.64
CA ARG A 117 14.78 16.05 -11.67
C ARG A 117 13.50 16.78 -11.99
N THR A 118 12.78 16.31 -13.00
CA THR A 118 11.47 16.87 -13.33
C THR A 118 10.34 15.95 -12.86
N ILE A 119 9.10 16.39 -13.08
CA ILE A 119 7.91 15.62 -12.75
C ILE A 119 6.67 16.33 -13.28
N SER A 120 5.62 15.56 -13.51
CA SER A 120 4.35 16.08 -13.97
C SER A 120 3.29 15.01 -13.78
N LYS A 121 2.05 15.33 -14.13
CA LYS A 121 0.97 14.39 -13.97
C LYS A 121 0.81 13.56 -15.24
N ILE A 122 0.79 12.23 -15.09
CA ILE A 122 0.62 11.34 -16.23
C ILE A 122 -0.81 11.38 -16.74
N LYS A 123 -0.98 11.60 -18.04
CA LYS A 123 -2.29 11.45 -18.65
C LYS A 123 -2.54 9.95 -18.86
N GLY A 124 -3.33 9.35 -17.99
CA GLY A 124 -3.57 7.92 -18.05
C GLY A 124 -5.04 7.56 -18.07
N LEU A 125 -5.31 6.27 -17.98
CA LEU A 125 -6.69 5.79 -17.86
C LEU A 125 -7.30 6.34 -16.56
N VAL A 126 -8.54 6.79 -16.63
CA VAL A 126 -9.26 7.24 -15.44
C VAL A 126 -10.55 6.47 -15.20
N ARG A 127 -10.59 5.68 -14.13
CA ARG A 127 -11.81 5.01 -13.69
C ARG A 127 -12.20 5.57 -12.32
N ALA A 128 -13.47 5.94 -12.15
CA ALA A 128 -13.96 6.40 -10.85
C ALA A 128 -14.20 5.23 -9.91
N PRO A 129 -14.03 5.44 -8.59
CA PRO A 129 -14.15 4.36 -7.62
C PRO A 129 -15.59 3.99 -7.29
N GLN A 130 -15.85 2.69 -7.19
CA GLN A 130 -17.04 2.21 -6.51
C GLN A 130 -16.76 2.25 -5.00
N VAL A 131 -17.74 2.69 -4.21
CA VAL A 131 -17.53 2.85 -2.77
C VAL A 131 -18.59 2.15 -1.92
N TYR A 132 -18.17 1.17 -1.13
CA TYR A 132 -19.07 0.45 -0.24
C TYR A 132 -18.61 0.54 1.21
N ILE A 133 -19.58 0.57 2.12
CA ILE A 133 -19.29 0.47 3.54
C ILE A 133 -19.70 -0.89 4.06
N LEU A 134 -18.79 -1.58 4.72
CA LEU A 134 -19.10 -2.89 5.31
C LEU A 134 -19.25 -2.73 6.81
N PRO A 135 -20.42 -3.10 7.35
CA PRO A 135 -20.64 -3.09 8.81
C PRO A 135 -19.70 -4.07 9.50
N PRO A 136 -19.54 -3.97 10.83
CA PRO A 136 -18.62 -4.88 11.51
C PRO A 136 -19.09 -6.33 11.41
N PRO A 137 -18.15 -7.28 11.40
CA PRO A 137 -18.54 -8.69 11.39
C PRO A 137 -19.35 -8.98 12.63
N ALA A 138 -20.39 -9.81 12.49
CA ALA A 138 -21.30 -10.14 13.60
C ALA A 138 -20.56 -10.58 14.87
N GLU A 139 -19.54 -11.42 14.71
CA GLU A 139 -18.81 -12.00 15.84
C GLU A 139 -17.91 -10.98 16.53
N GLN A 140 -18.01 -9.73 16.12
CA GLN A 140 -17.22 -8.67 16.70
C GLN A 140 -18.09 -7.79 17.58
N LEU A 141 -19.40 -7.91 17.40
CA LEU A 141 -20.38 -7.11 18.13
C LEU A 141 -20.49 -7.49 19.61
N SER A 142 -19.68 -8.45 20.05
CA SER A 142 -19.65 -8.83 21.45
C SER A 142 -18.28 -8.51 22.00
N ARG A 143 -17.58 -7.63 21.30
CA ARG A 143 -16.27 -7.18 21.74
C ARG A 143 -16.43 -5.81 22.37
N LYS A 144 -15.32 -5.23 22.83
CA LYS A 144 -15.31 -3.84 23.26
C LYS A 144 -15.25 -2.94 22.03
N ASP A 145 -14.51 -3.38 21.01
CA ASP A 145 -14.33 -2.59 19.80
C ASP A 145 -14.97 -3.24 18.57
N VAL A 146 -15.40 -2.41 17.64
CA VAL A 146 -15.84 -2.91 16.34
C VAL A 146 -15.10 -2.18 15.22
N SER A 147 -15.00 -2.83 14.07
CA SER A 147 -14.32 -2.25 12.93
C SER A 147 -15.31 -1.89 11.84
N LEU A 148 -15.29 -0.63 11.42
CA LEU A 148 -16.09 -0.22 10.28
C LEU A 148 -15.20 -0.20 9.03
N THR A 149 -15.57 -0.96 8.01
CA THR A 149 -14.73 -1.11 6.83
C THR A 149 -15.24 -0.37 5.59
N CYS A 150 -14.39 0.47 5.01
CA CYS A 150 -14.71 1.06 3.73
C CYS A 150 -13.96 0.36 2.60
N LEU A 151 -14.73 -0.20 1.67
CA LEU A 151 -14.17 -0.81 0.47
C LEU A 151 -14.37 0.14 -0.70
N VAL A 152 -13.26 0.61 -1.24
CA VAL A 152 -13.25 1.48 -2.40
C VAL A 152 -12.50 0.76 -3.49
N LYS A 153 -13.16 0.48 -4.62
CA LYS A 153 -12.55 -0.36 -5.65
C LYS A 153 -12.81 0.09 -7.09
N GLY A 154 -12.12 -0.55 -8.02
CA GLY A 154 -12.33 -0.33 -9.44
C GLY A 154 -11.88 1.02 -9.95
N PHE A 155 -10.87 1.62 -9.31
CA PHE A 155 -10.44 2.96 -9.68
C PHE A 155 -9.09 3.03 -10.40
N ASN A 156 -8.94 4.06 -11.23
CA ASN A 156 -7.70 4.37 -11.96
C ASN A 156 -7.61 5.87 -12.09
N PRO A 157 -6.43 6.44 -11.81
CA PRO A 157 -5.23 5.76 -11.32
C PRO A 157 -5.30 5.45 -9.83
N GLY A 158 -4.24 4.88 -9.29
CA GLY A 158 -4.19 4.45 -7.90
C GLY A 158 -4.13 5.54 -6.83
N ASP A 159 -4.14 6.81 -7.23
CA ASP A 159 -4.07 7.90 -6.26
C ASP A 159 -5.44 8.22 -5.69
N ILE A 160 -5.60 8.04 -4.39
CA ILE A 160 -6.90 8.20 -3.78
C ILE A 160 -6.79 8.67 -2.33
N SER A 161 -7.87 9.27 -1.84
CA SER A 161 -7.94 9.77 -0.49
C SER A 161 -9.23 9.24 0.13
N VAL A 162 -9.10 8.59 1.29
CA VAL A 162 -10.26 8.08 1.99
C VAL A 162 -10.26 8.58 3.44
N GLU A 163 -11.33 9.24 3.83
CA GLU A 163 -11.45 9.78 5.18
C GLU A 163 -12.78 9.41 5.83
N TRP A 164 -12.87 9.59 7.15
CA TRP A 164 -14.07 9.21 7.87
C TRP A 164 -14.70 10.36 8.63
N THR A 165 -16.03 10.38 8.67
CA THR A 165 -16.77 11.31 9.51
C THR A 165 -17.92 10.60 10.21
N SER A 166 -18.42 11.21 11.28
CA SER A 166 -19.68 10.73 11.89
C SER A 166 -20.51 11.93 12.25
N ASN A 167 -21.71 12.00 11.67
CA ASN A 167 -22.59 13.16 11.80
C ASN A 167 -21.88 14.47 11.42
N GLY A 168 -20.93 14.38 10.50
CA GLY A 168 -20.23 15.55 10.00
C GLY A 168 -18.95 15.91 10.74
N HIS A 169 -18.72 15.27 11.88
CA HIS A 169 -17.49 15.52 12.63
C HIS A 169 -16.37 14.65 12.08
N THR A 170 -15.14 15.15 12.18
CA THR A 170 -14.00 14.40 11.70
C THR A 170 -13.71 13.22 12.61
N GLU A 171 -13.50 12.06 12.00
CA GLU A 171 -13.08 10.85 12.69
C GLU A 171 -11.63 10.57 12.38
N GLU A 172 -10.83 10.38 13.43
CA GLU A 172 -9.38 10.33 13.29
C GLU A 172 -8.82 8.94 13.52
N ASN A 173 -9.62 8.05 14.08
CA ASN A 173 -9.08 6.74 14.47
C ASN A 173 -9.18 5.67 13.39
N TYR A 174 -8.48 5.88 12.28
CA TYR A 174 -8.58 4.97 11.15
C TYR A 174 -7.25 4.70 10.49
N LYS A 175 -7.16 3.53 9.85
CA LYS A 175 -6.03 3.20 9.01
C LYS A 175 -6.52 2.70 7.66
N ASP A 176 -5.71 2.91 6.63
CA ASP A 176 -6.04 2.41 5.31
C ASP A 176 -4.87 1.60 4.75
N THR A 177 -5.19 0.71 3.83
CA THR A 177 -4.17 -0.08 3.14
C THR A 177 -3.61 0.78 2.03
N ALA A 178 -2.50 0.37 1.43
CA ALA A 178 -2.08 1.05 0.22
C ALA A 178 -3.00 0.58 -0.91
N PRO A 179 -3.11 1.37 -1.99
CA PRO A 179 -3.86 0.88 -3.16
C PRO A 179 -3.24 -0.40 -3.69
N VAL A 180 -4.08 -1.35 -4.06
CA VAL A 180 -3.60 -2.60 -4.62
C VAL A 180 -4.19 -2.77 -6.01
N LEU A 181 -3.35 -3.25 -6.93
CA LEU A 181 -3.80 -3.52 -8.29
C LEU A 181 -4.68 -4.77 -8.33
N ASP A 182 -5.85 -4.65 -8.93
CA ASP A 182 -6.76 -5.76 -9.07
C ASP A 182 -6.54 -6.47 -10.42
N SER A 183 -7.03 -7.71 -10.53
CA SER A 183 -6.84 -8.49 -11.75
C SER A 183 -7.28 -7.76 -13.02
N ASP A 184 -8.37 -7.01 -12.93
CA ASP A 184 -8.90 -6.28 -14.08
C ASP A 184 -8.11 -5.01 -14.44
N GLY A 185 -6.98 -4.79 -13.76
CA GLY A 185 -6.19 -3.59 -14.01
C GLY A 185 -6.59 -2.35 -13.22
N SER A 186 -7.63 -2.46 -12.38
CA SER A 186 -8.00 -1.32 -11.52
C SER A 186 -7.37 -1.44 -10.14
N TYR A 187 -7.58 -0.44 -9.30
CA TYR A 187 -7.11 -0.48 -7.91
C TYR A 187 -8.25 -0.61 -6.90
N PHE A 188 -7.97 -1.25 -5.77
CA PHE A 188 -8.87 -1.18 -4.62
C PHE A 188 -8.09 -0.86 -3.35
N ILE A 189 -8.81 -0.35 -2.36
CA ILE A 189 -8.22 0.03 -1.10
C ILE A 189 -9.24 -0.28 0.00
N TYR A 190 -8.75 -0.66 1.16
CA TYR A 190 -9.63 -0.80 2.32
C TYR A 190 -9.27 0.27 3.34
N SER A 191 -10.29 0.82 3.99
CA SER A 191 -10.05 1.65 5.15
C SER A 191 -10.82 1.09 6.36
N ARG A 192 -10.13 1.03 7.50
CA ARG A 192 -10.74 0.52 8.72
C ARG A 192 -10.85 1.62 9.79
N LEU A 193 -12.08 1.99 10.10
CA LEU A 193 -12.34 2.91 11.20
C LEU A 193 -12.61 2.12 12.48
N ASN A 194 -11.70 2.25 13.45
CA ASN A 194 -11.82 1.51 14.69
C ASN A 194 -12.53 2.32 15.79
N MET A 195 -13.52 1.71 16.42
CA MET A 195 -14.28 2.42 17.47
C MET A 195 -14.78 1.53 18.61
N LYS A 196 -14.96 2.16 19.78
CA LYS A 196 -15.64 1.51 20.88
C LYS A 196 -17.05 1.14 20.45
N THR A 197 -17.51 -0.02 20.89
CA THR A 197 -18.80 -0.56 20.47
C THR A 197 -19.95 0.33 20.93
N SER A 198 -19.71 1.07 22.00
CA SER A 198 -20.70 2.03 22.51
C SER A 198 -20.99 3.06 21.43
N LYS A 199 -19.92 3.52 20.77
CA LYS A 199 -20.06 4.57 19.78
C LYS A 199 -20.78 4.03 18.56
N TRP A 200 -20.49 2.78 18.21
CA TRP A 200 -21.13 2.17 17.04
C TRP A 200 -22.65 2.08 17.24
N GLU A 201 -23.05 1.74 18.45
CA GLU A 201 -24.48 1.56 18.75
C GLU A 201 -25.21 2.85 19.01
N LYS A 202 -24.53 3.85 19.56
CA LYS A 202 -25.19 5.10 19.91
C LYS A 202 -25.09 6.20 18.83
N THR A 203 -24.18 6.04 17.86
CA THR A 203 -23.99 7.08 16.85
C THR A 203 -24.92 6.88 15.66
N ASP A 204 -25.54 7.96 15.19
CA ASP A 204 -26.52 7.89 14.12
C ASP A 204 -25.94 7.40 12.80
N SER A 205 -24.84 8.01 12.37
CA SER A 205 -24.30 7.66 11.07
C SER A 205 -22.80 7.84 10.98
N PHE A 206 -22.19 7.05 10.11
CA PHE A 206 -20.78 7.20 9.80
C PHE A 206 -20.59 7.37 8.28
N SER A 207 -19.55 8.08 7.89
CA SER A 207 -19.36 8.38 6.48
C SER A 207 -17.95 8.15 5.97
N CYS A 208 -17.89 7.45 4.84
CA CYS A 208 -16.65 7.26 4.09
C CYS A 208 -16.54 8.36 3.03
N ASN A 209 -15.49 9.16 3.10
CA ASN A 209 -15.33 10.29 2.18
C ASN A 209 -14.17 10.09 1.21
N VAL A 210 -14.52 9.90 -0.07
CA VAL A 210 -13.53 9.56 -1.07
C VAL A 210 -13.24 10.73 -2.00
N ARG A 211 -11.96 10.96 -2.25
CA ARG A 211 -11.52 11.97 -3.22
C ARG A 211 -10.64 11.32 -4.28
N HIS A 212 -11.06 11.47 -5.53
CA HIS A 212 -10.38 10.84 -6.66
C HIS A 212 -10.71 11.66 -7.90
N GLU A 213 -9.85 11.62 -8.91
CA GLU A 213 -10.09 12.44 -10.08
C GLU A 213 -11.22 11.92 -10.96
N GLY A 214 -11.61 10.66 -10.76
CA GLY A 214 -12.70 10.10 -11.53
C GLY A 214 -14.06 10.55 -11.05
N LEU A 215 -14.11 11.19 -9.90
CA LEU A 215 -15.37 11.56 -9.29
C LEU A 215 -15.82 12.95 -9.70
N LYS A 216 -17.13 13.11 -9.87
CA LYS A 216 -17.69 14.42 -10.12
C LYS A 216 -17.37 15.29 -8.92
N ASN A 217 -16.79 16.46 -9.19
CA ASN A 217 -16.31 17.37 -8.14
C ASN A 217 -15.15 16.83 -7.34
N TYR A 218 -14.59 15.71 -7.80
CA TYR A 218 -13.52 14.99 -7.10
C TYR A 218 -13.94 14.53 -5.70
N TYR A 219 -15.23 14.37 -5.47
CA TYR A 219 -15.70 14.08 -4.13
C TYR A 219 -16.96 13.23 -4.07
N LEU A 220 -16.92 12.22 -3.22
CA LEU A 220 -18.07 11.37 -2.99
C LEU A 220 -18.14 10.97 -1.51
N LYS A 221 -19.36 10.89 -0.99
CA LYS A 221 -19.57 10.56 0.41
C LYS A 221 -20.55 9.39 0.48
N LYS A 222 -20.12 8.30 1.12
CA LYS A 222 -21.01 7.18 1.37
C LYS A 222 -21.32 7.14 2.87
N THR A 223 -22.57 6.87 3.22
CA THR A 223 -22.99 6.93 4.61
C THR A 223 -23.73 5.67 5.05
N ILE A 224 -23.45 5.22 6.26
CA ILE A 224 -24.14 4.08 6.85
C ILE A 224 -24.78 4.47 8.19
N SER A 225 -25.92 3.86 8.52
CA SER A 225 -26.56 4.04 9.83
C SER A 225 -26.68 2.71 10.58
N PRO B 27 30.53 -6.61 -7.69
CA PRO B 27 29.25 -7.31 -7.49
C PRO B 27 28.84 -7.27 -6.02
N SER B 28 27.55 -7.06 -5.76
CA SER B 28 27.05 -7.04 -4.40
C SER B 28 26.29 -8.32 -4.07
N VAL B 29 25.98 -8.48 -2.78
CA VAL B 29 25.33 -9.70 -2.31
C VAL B 29 24.15 -9.37 -1.40
N PHE B 30 23.07 -10.14 -1.54
CA PHE B 30 21.91 -10.00 -0.66
C PHE B 30 21.44 -11.36 -0.14
N ILE B 31 20.84 -11.35 1.05
CA ILE B 31 20.39 -12.58 1.68
C ILE B 31 18.91 -12.45 2.07
N PHE B 32 18.13 -13.50 1.81
CA PHE B 32 16.68 -13.43 2.00
C PHE B 32 16.13 -14.54 2.90
N PRO B 33 15.24 -14.16 3.82
CA PRO B 33 14.55 -15.05 4.75
C PRO B 33 13.63 -15.99 3.98
N PRO B 34 13.31 -17.15 4.58
CA PRO B 34 12.38 -18.07 3.92
C PRO B 34 10.97 -17.51 3.90
N ASN B 35 10.13 -18.08 3.05
CA ASN B 35 8.73 -17.68 3.00
C ASN B 35 8.00 -18.19 4.24
N ILE B 36 7.18 -17.31 4.82
CA ILE B 36 6.47 -17.62 6.07
C ILE B 36 5.57 -18.85 5.95
N LYS B 37 5.00 -19.05 4.77
CA LYS B 37 4.14 -20.21 4.54
C LYS B 37 4.98 -21.48 4.50
N ASP B 38 6.24 -21.36 4.09
CA ASP B 38 7.13 -22.52 4.05
C ASP B 38 7.61 -22.87 5.45
N VAL B 39 7.73 -21.84 6.29
CA VAL B 39 8.17 -22.00 7.67
C VAL B 39 7.08 -22.67 8.51
N LEU B 40 5.83 -22.23 8.33
CA LEU B 40 4.72 -22.72 9.13
C LEU B 40 4.20 -24.10 8.70
N MET B 41 4.25 -24.38 7.39
CA MET B 41 3.82 -25.68 6.92
C MET B 41 4.97 -26.66 6.93
N ASP B 42 4.79 -27.80 7.60
CA ASP B 42 5.80 -28.84 7.63
C ASP B 42 5.90 -29.49 6.26
N SER B 43 4.79 -29.50 5.54
CA SER B 43 4.71 -30.07 4.21
C SER B 43 5.66 -29.37 3.20
N LEU B 44 6.01 -28.12 3.49
CA LEU B 44 6.84 -27.32 2.59
C LEU B 44 8.23 -27.11 3.16
N THR B 45 9.20 -27.00 2.28
CA THR B 45 10.57 -26.79 2.72
C THR B 45 10.92 -25.32 2.67
N PRO B 46 11.19 -24.73 3.83
CA PRO B 46 11.67 -23.35 3.84
C PRO B 46 13.10 -23.32 3.29
N LYS B 47 13.50 -22.19 2.73
CA LYS B 47 14.82 -22.06 2.15
C LYS B 47 15.36 -20.65 2.31
N VAL B 48 16.60 -20.53 2.76
CA VAL B 48 17.25 -19.23 2.77
C VAL B 48 17.89 -19.04 1.40
N THR B 49 17.95 -17.80 0.93
CA THR B 49 18.44 -17.53 -0.41
C THR B 49 19.45 -16.40 -0.42
N CYS B 50 20.61 -16.69 -1.02
CA CYS B 50 21.69 -15.72 -1.17
C CYS B 50 21.81 -15.30 -2.63
N VAL B 51 21.74 -14.01 -2.89
CA VAL B 51 21.77 -13.54 -4.27
C VAL B 51 22.94 -12.59 -4.54
N VAL B 52 23.76 -12.98 -5.52
CA VAL B 52 24.86 -12.14 -5.99
C VAL B 52 24.48 -11.50 -7.31
N VAL B 53 24.34 -10.18 -7.30
CA VAL B 53 23.92 -9.47 -8.51
C VAL B 53 25.10 -8.82 -9.22
N ASP B 54 24.90 -8.50 -10.50
CA ASP B 54 25.89 -7.82 -11.33
C ASP B 54 27.21 -8.59 -11.40
N VAL B 55 27.10 -9.91 -11.58
CA VAL B 55 28.26 -10.75 -11.85
C VAL B 55 28.73 -10.43 -13.27
N SER B 56 30.05 -10.48 -13.49
CA SER B 56 30.63 -10.22 -14.81
C SER B 56 30.65 -11.46 -15.71
N GLU B 57 30.50 -11.24 -17.01
CA GLU B 57 30.54 -12.33 -17.98
C GLU B 57 31.97 -12.85 -18.15
N ASP B 58 32.95 -11.97 -17.90
CA ASP B 58 34.35 -12.32 -17.99
C ASP B 58 34.74 -13.39 -16.97
N ASP B 59 34.48 -13.11 -15.69
CA ASP B 59 34.77 -14.07 -14.62
C ASP B 59 33.50 -14.53 -13.92
N PRO B 60 32.84 -15.56 -14.47
CA PRO B 60 31.59 -16.08 -13.92
C PRO B 60 31.81 -16.92 -12.66
N ASP B 61 33.07 -17.04 -12.25
CA ASP B 61 33.43 -17.84 -11.09
C ASP B 61 32.99 -17.19 -9.78
N VAL B 62 31.84 -17.64 -9.26
CA VAL B 62 31.38 -17.22 -7.94
C VAL B 62 31.28 -18.43 -7.03
N GLN B 63 32.07 -18.42 -5.95
CA GLN B 63 32.04 -19.53 -5.01
C GLN B 63 31.25 -19.13 -3.77
N ILE B 64 30.16 -19.86 -3.49
CA ILE B 64 29.27 -19.53 -2.39
C ILE B 64 29.10 -20.66 -1.37
N SER B 65 29.49 -20.38 -0.13
CA SER B 65 29.41 -21.37 0.94
C SER B 65 28.45 -20.93 2.05
N TRP B 66 27.82 -21.90 2.72
CA TRP B 66 26.81 -21.63 3.73
C TRP B 66 27.21 -22.08 5.14
N PHE B 67 26.81 -21.29 6.15
CA PHE B 67 27.16 -21.55 7.54
C PHE B 67 25.99 -21.38 8.50
N VAL B 68 25.49 -22.49 9.05
CA VAL B 68 24.46 -22.43 10.10
C VAL B 68 25.10 -22.39 11.49
N ASN B 69 25.06 -21.22 12.13
CA ASN B 69 25.76 -21.00 13.39
C ASN B 69 27.25 -21.26 13.23
N ASN B 70 27.83 -20.66 12.19
CA ASN B 70 29.25 -20.83 11.88
C ASN B 70 29.68 -22.26 11.56
N VAL B 71 28.70 -23.16 11.42
CA VAL B 71 28.95 -24.53 11.03
C VAL B 71 28.58 -24.70 9.55
N GLU B 72 29.54 -25.10 8.73
CA GLU B 72 29.30 -25.17 7.30
C GLU B 72 28.33 -26.29 6.92
N VAL B 73 27.40 -25.96 6.02
CA VAL B 73 26.49 -26.94 5.47
C VAL B 73 26.76 -27.08 3.98
N HIS B 74 26.36 -28.20 3.40
CA HIS B 74 26.68 -28.49 2.00
C HIS B 74 25.48 -29.00 1.21
N THR B 75 24.31 -28.43 1.47
CA THR B 75 23.07 -28.92 0.85
C THR B 75 22.43 -27.93 -0.13
N ALA B 76 23.03 -26.75 -0.27
CA ALA B 76 22.46 -25.70 -1.11
C ALA B 76 22.64 -25.95 -2.59
N GLN B 77 21.61 -25.64 -3.37
CA GLN B 77 21.68 -25.75 -4.82
C GLN B 77 21.93 -24.36 -5.43
N THR B 78 23.02 -24.23 -6.18
CA THR B 78 23.36 -22.95 -6.77
C THR B 78 23.12 -22.96 -8.27
N GLN B 79 22.70 -21.81 -8.81
CA GLN B 79 22.53 -21.68 -10.24
C GLN B 79 22.69 -20.23 -10.70
N THR B 80 22.93 -20.06 -11.99
CA THR B 80 23.18 -18.76 -12.58
C THR B 80 22.01 -18.34 -13.46
N HIS B 81 21.68 -17.06 -13.43
CA HIS B 81 20.53 -16.57 -14.17
C HIS B 81 20.91 -15.38 -15.03
N ARG B 82 20.47 -15.38 -16.28
CA ARG B 82 20.66 -14.23 -17.14
C ARG B 82 19.49 -13.29 -16.91
N GLU B 83 19.77 -12.05 -16.54
CA GLU B 83 18.72 -11.09 -16.26
C GLU B 83 18.48 -10.19 -17.47
N ASP B 84 17.48 -10.54 -18.26
CA ASP B 84 17.24 -9.87 -19.53
C ASP B 84 16.76 -8.43 -19.36
N TYR B 85 16.36 -8.07 -18.14
CA TYR B 85 15.89 -6.71 -17.87
C TYR B 85 16.93 -5.66 -18.25
N ASN B 86 18.15 -5.85 -17.78
CA ASN B 86 19.22 -4.88 -18.00
C ASN B 86 20.52 -5.49 -18.56
N SER B 87 20.41 -6.74 -19.03
CA SER B 87 21.52 -7.47 -19.66
C SER B 87 22.60 -7.93 -18.68
N THR B 88 22.26 -8.00 -17.40
CA THR B 88 23.21 -8.43 -16.38
C THR B 88 23.12 -9.93 -16.06
N ILE B 89 24.02 -10.39 -15.21
CA ILE B 89 24.03 -11.79 -14.77
C ILE B 89 23.83 -11.87 -13.27
N ARG B 90 23.15 -12.92 -12.83
CA ARG B 90 22.83 -13.11 -11.43
C ARG B 90 23.16 -14.52 -10.99
N VAL B 91 23.78 -14.64 -9.82
CA VAL B 91 24.01 -15.95 -9.22
C VAL B 91 23.22 -16.06 -7.92
N VAL B 92 22.43 -17.12 -7.81
CA VAL B 92 21.54 -17.27 -6.67
C VAL B 92 21.71 -18.61 -5.96
N SER B 93 22.00 -18.55 -4.67
CA SER B 93 22.19 -19.76 -3.89
C SER B 93 21.02 -19.99 -2.93
N THR B 94 20.50 -21.22 -2.95
CA THR B 94 19.32 -21.54 -2.18
C THR B 94 19.60 -22.68 -1.23
N LEU B 95 19.61 -22.37 0.06
CA LEU B 95 19.90 -23.34 1.10
C LEU B 95 18.63 -23.84 1.80
N PRO B 96 18.26 -25.11 1.59
CA PRO B 96 17.09 -25.72 2.23
C PRO B 96 17.33 -25.93 3.72
N ILE B 97 16.49 -25.33 4.55
CA ILE B 97 16.69 -25.40 5.99
C ILE B 97 15.54 -26.10 6.69
N GLN B 98 15.76 -26.52 7.92
CA GLN B 98 14.72 -27.19 8.67
C GLN B 98 13.95 -26.21 9.56
N HIS B 99 12.64 -26.41 9.61
CA HIS B 99 11.71 -25.52 10.28
C HIS B 99 12.15 -25.11 11.69
N GLN B 100 12.59 -26.08 12.48
CA GLN B 100 13.00 -25.82 13.85
C GLN B 100 14.20 -24.86 13.97
N ASP B 101 15.18 -25.01 13.09
CA ASP B 101 16.39 -24.20 13.19
C ASP B 101 16.10 -22.72 12.95
N TRP B 102 15.20 -22.44 12.01
CA TRP B 102 14.82 -21.05 11.72
C TRP B 102 14.04 -20.42 12.87
N MET B 103 13.12 -21.19 13.45
CA MET B 103 12.28 -20.65 14.52
C MET B 103 13.02 -20.49 15.83
N SER B 104 14.08 -21.26 16.02
CA SER B 104 14.89 -21.15 17.24
C SER B 104 15.91 -20.03 17.15
N GLY B 105 15.86 -19.27 16.07
CA GLY B 105 16.72 -18.11 15.88
C GLY B 105 18.16 -18.42 15.52
N LYS B 106 18.39 -19.60 14.92
CA LYS B 106 19.72 -19.93 14.44
C LYS B 106 20.14 -18.92 13.36
N GLU B 107 21.42 -18.57 13.34
CA GLU B 107 21.92 -17.66 12.31
C GLU B 107 22.35 -18.42 11.05
N PHE B 108 22.03 -17.88 9.89
CA PHE B 108 22.44 -18.46 8.61
C PHE B 108 23.31 -17.47 7.85
N LYS B 109 24.47 -17.94 7.41
CA LYS B 109 25.41 -17.07 6.70
C LYS B 109 25.90 -17.71 5.41
N CYS B 110 25.85 -16.94 4.33
CA CYS B 110 26.41 -17.39 3.06
C CYS B 110 27.71 -16.64 2.82
N LYS B 111 28.76 -17.37 2.44
CA LYS B 111 30.02 -16.73 2.13
C LYS B 111 30.30 -16.84 0.63
N VAL B 112 30.47 -15.69 -0.01
CA VAL B 112 30.62 -15.65 -1.46
C VAL B 112 31.99 -15.14 -1.89
N ASN B 113 32.71 -15.95 -2.67
CA ASN B 113 34.00 -15.55 -3.22
C ASN B 113 34.20 -16.04 -4.65
N PRO B 120 36.28 -11.67 0.49
CA PRO B 120 35.09 -12.52 0.45
C PRO B 120 33.86 -11.82 1.03
N ILE B 121 32.69 -12.10 0.47
CA ILE B 121 31.45 -11.47 0.95
C ILE B 121 30.69 -12.41 1.89
N GLU B 122 30.29 -11.86 3.03
CA GLU B 122 29.50 -12.61 4.00
C GLU B 122 28.19 -11.89 4.30
N ARG B 123 27.09 -12.66 4.31
CA ARG B 123 25.79 -12.12 4.66
C ARG B 123 25.13 -13.04 5.69
N THR B 124 24.48 -12.46 6.70
CA THR B 124 23.87 -13.24 7.76
C THR B 124 22.38 -12.93 7.93
N ILE B 125 21.58 -13.98 8.09
CA ILE B 125 20.14 -13.81 8.32
C ILE B 125 19.65 -14.71 9.46
N SER B 126 18.78 -14.16 10.30
CA SER B 126 18.18 -14.93 11.39
C SER B 126 16.81 -14.36 11.74
N LYS B 127 15.92 -15.25 12.21
CA LYS B 127 14.57 -14.83 12.56
C LYS B 127 14.55 -13.74 13.63
N ILE B 128 13.77 -12.69 13.38
CA ILE B 128 13.62 -11.61 14.33
C ILE B 128 12.72 -12.06 15.48
N LYS B 129 13.31 -12.20 16.67
CA LYS B 129 12.56 -12.62 17.84
C LYS B 129 11.97 -11.40 18.53
N GLY B 130 10.66 -11.44 18.78
CA GLY B 130 9.98 -10.31 19.39
C GLY B 130 8.57 -10.67 19.81
N LEU B 131 7.74 -9.64 19.97
CA LEU B 131 6.37 -9.85 20.41
C LEU B 131 5.63 -10.80 19.48
N VAL B 132 4.88 -11.73 20.05
CA VAL B 132 4.07 -12.64 19.26
C VAL B 132 2.61 -12.62 19.71
N ARG B 133 1.76 -12.13 18.83
CA ARG B 133 0.36 -11.94 19.12
C ARG B 133 -0.45 -12.55 17.98
N ALA B 134 -1.38 -13.43 18.32
CA ALA B 134 -2.17 -14.12 17.31
C ALA B 134 -3.21 -13.19 16.72
N PRO B 135 -3.46 -13.33 15.41
CA PRO B 135 -4.48 -12.53 14.71
C PRO B 135 -5.88 -13.00 15.00
N GLN B 136 -6.84 -12.08 14.97
CA GLN B 136 -8.25 -12.44 14.95
C GLN B 136 -8.72 -12.34 13.51
N VAL B 137 -9.56 -13.28 13.10
CA VAL B 137 -9.95 -13.42 11.70
C VAL B 137 -11.45 -13.30 11.50
N TYR B 138 -11.87 -12.40 10.62
CA TYR B 138 -13.29 -12.22 10.32
C TYR B 138 -13.56 -12.24 8.82
N ILE B 139 -14.71 -12.78 8.45
CA ILE B 139 -15.14 -12.71 7.06
C ILE B 139 -16.32 -11.78 6.91
N LEU B 140 -16.12 -10.67 6.21
CA LEU B 140 -17.20 -9.77 5.87
C LEU B 140 -17.88 -10.25 4.60
N PRO B 141 -19.20 -10.46 4.65
CA PRO B 141 -19.98 -10.81 3.46
C PRO B 141 -20.04 -9.64 2.48
N PRO B 142 -20.47 -9.87 1.23
CA PRO B 142 -20.55 -8.77 0.26
C PRO B 142 -21.45 -7.64 0.74
N PRO B 143 -21.11 -6.40 0.40
CA PRO B 143 -22.01 -5.28 0.72
C PRO B 143 -23.31 -5.43 -0.03
N ALA B 144 -24.43 -5.06 0.59
CA ALA B 144 -25.77 -5.20 0.00
C ALA B 144 -25.89 -4.60 -1.40
N GLU B 145 -25.26 -3.44 -1.59
CA GLU B 145 -25.34 -2.71 -2.85
C GLU B 145 -24.64 -3.45 -3.98
N GLN B 146 -23.87 -4.48 -3.63
CA GLN B 146 -23.12 -5.23 -4.62
C GLN B 146 -23.85 -6.48 -5.07
N LEU B 147 -24.92 -6.83 -4.35
CA LEU B 147 -25.68 -8.05 -4.66
C LEU B 147 -26.63 -7.86 -5.82
N SER B 148 -26.76 -6.61 -6.26
CA SER B 148 -27.61 -6.27 -7.39
C SER B 148 -26.84 -6.49 -8.67
N ARG B 149 -25.52 -6.51 -8.55
CA ARG B 149 -24.65 -6.72 -9.68
C ARG B 149 -24.37 -8.21 -9.89
N LYS B 150 -23.50 -8.51 -10.85
CA LYS B 150 -23.23 -9.89 -11.26
C LYS B 150 -21.92 -10.43 -10.71
N ASP B 151 -21.17 -9.56 -10.02
CA ASP B 151 -19.99 -9.99 -9.27
C ASP B 151 -20.06 -9.46 -7.84
N VAL B 152 -19.39 -10.16 -6.92
CA VAL B 152 -19.39 -9.77 -5.51
C VAL B 152 -18.02 -9.95 -4.90
N SER B 153 -17.77 -9.19 -3.82
CA SER B 153 -16.49 -9.29 -3.14
C SER B 153 -16.68 -9.88 -1.76
N LEU B 154 -15.84 -10.83 -1.41
CA LEU B 154 -15.84 -11.39 -0.09
C LEU B 154 -14.61 -10.84 0.61
N THR B 155 -14.75 -10.43 1.85
CA THR B 155 -13.66 -9.75 2.52
C THR B 155 -13.22 -10.50 3.76
N CYS B 156 -11.91 -10.70 3.85
CA CYS B 156 -11.33 -11.30 5.04
C CYS B 156 -10.58 -10.24 5.82
N LEU B 157 -11.03 -10.02 7.05
CA LEU B 157 -10.37 -9.07 7.93
C LEU B 157 -9.49 -9.80 8.95
N VAL B 158 -8.20 -9.49 8.94
CA VAL B 158 -7.25 -10.09 9.88
C VAL B 158 -6.54 -9.02 10.72
N VAL B 159 -6.79 -9.00 12.02
CA VAL B 159 -6.31 -7.90 12.87
C VAL B 159 -5.51 -8.33 14.10
N GLY B 160 -4.67 -7.42 14.59
CA GLY B 160 -4.05 -7.52 15.89
C GLY B 160 -2.99 -8.59 16.01
N PHE B 161 -2.15 -8.73 15.00
CA PHE B 161 -1.14 -9.77 15.04
C PHE B 161 0.29 -9.26 15.00
N ASN B 162 1.19 -10.03 15.62
CA ASN B 162 2.62 -9.76 15.63
C ASN B 162 3.36 -11.09 15.59
N PRO B 163 4.38 -11.21 14.73
CA PRO B 163 4.92 -10.17 13.86
C PRO B 163 4.07 -10.03 12.59
N GLY B 164 4.46 -9.12 11.69
CA GLY B 164 3.73 -8.84 10.47
C GLY B 164 3.79 -9.91 9.38
N ASP B 165 4.53 -10.99 9.61
CA ASP B 165 4.61 -12.07 8.62
C ASP B 165 3.40 -12.98 8.72
N ILE B 166 2.61 -13.04 7.65
CA ILE B 166 1.37 -13.80 7.70
C ILE B 166 1.01 -14.38 6.33
N SER B 167 0.16 -15.40 6.35
CA SER B 167 -0.27 -16.08 5.14
C SER B 167 -1.79 -16.16 5.12
N VAL B 168 -2.41 -15.56 4.10
CA VAL B 168 -3.86 -15.63 3.95
C VAL B 168 -4.23 -16.19 2.59
N GLU B 169 -5.08 -17.22 2.57
CA GLU B 169 -5.52 -17.86 1.33
C GLU B 169 -6.99 -18.29 1.45
N TRP B 170 -7.66 -18.49 0.31
CA TRP B 170 -9.09 -18.79 0.32
C TRP B 170 -9.37 -20.21 -0.18
N THR B 171 -10.44 -20.81 0.32
CA THR B 171 -10.88 -22.12 -0.17
C THR B 171 -12.39 -22.17 -0.31
N SER B 172 -12.85 -23.12 -1.12
CA SER B 172 -14.27 -23.34 -1.28
C SER B 172 -14.60 -24.72 -0.74
N ASN B 173 -14.84 -24.79 0.56
CA ASN B 173 -15.04 -26.06 1.26
C ASN B 173 -13.85 -27.00 1.07
N GLY B 174 -12.65 -26.44 1.07
CA GLY B 174 -11.44 -27.24 0.91
C GLY B 174 -10.69 -26.98 -0.38
N HIS B 175 -11.43 -26.71 -1.46
CA HIS B 175 -10.85 -26.51 -2.79
C HIS B 175 -10.24 -25.12 -2.93
N THR B 176 -9.08 -25.04 -3.60
CA THR B 176 -8.38 -23.77 -3.76
C THR B 176 -9.14 -22.74 -4.57
N GLU B 177 -9.33 -21.56 -4.00
CA GLU B 177 -9.86 -20.40 -4.71
C GLU B 177 -8.71 -19.48 -5.02
N GLU B 178 -8.63 -18.99 -6.26
CA GLU B 178 -7.45 -18.23 -6.66
C GLU B 178 -7.70 -16.78 -7.04
N ASN B 179 -8.95 -16.45 -7.32
CA ASN B 179 -9.26 -15.10 -7.75
C ASN B 179 -9.35 -14.12 -6.58
N TYR B 180 -8.22 -13.92 -5.90
CA TYR B 180 -8.21 -13.05 -4.74
C TYR B 180 -6.91 -12.26 -4.67
N LYS B 181 -6.97 -11.11 -4.00
CA LYS B 181 -5.75 -10.35 -3.73
C LYS B 181 -5.69 -9.90 -2.26
N ASP B 182 -4.52 -10.07 -1.64
CA ASP B 182 -4.28 -9.57 -0.30
C ASP B 182 -3.74 -8.14 -0.36
N THR B 183 -3.77 -7.46 0.77
CA THR B 183 -3.04 -6.21 0.92
C THR B 183 -1.73 -6.50 1.63
N ALA B 184 -0.86 -5.51 1.69
CA ALA B 184 0.31 -5.61 2.54
C ALA B 184 -0.14 -5.45 4.00
N PRO B 185 0.62 -6.03 4.94
CA PRO B 185 0.29 -5.79 6.35
C PRO B 185 0.49 -4.33 6.71
N VAL B 186 -0.43 -3.77 7.49
CA VAL B 186 -0.35 -2.38 7.90
C VAL B 186 -0.18 -2.27 9.41
N LEU B 187 0.74 -1.40 9.84
CA LEU B 187 0.99 -1.20 11.25
C LEU B 187 -0.10 -0.35 11.89
N ASP B 188 -0.84 -0.96 12.81
CA ASP B 188 -1.89 -0.27 13.54
C ASP B 188 -1.27 0.59 14.65
N SER B 189 -2.05 1.52 15.19
CA SER B 189 -1.60 2.35 16.32
C SER B 189 -1.40 1.48 17.57
N ASP B 190 -2.09 0.35 17.59
CA ASP B 190 -1.91 -0.72 18.58
C ASP B 190 -0.46 -1.20 18.63
N GLY B 191 0.24 -1.10 17.50
CA GLY B 191 1.56 -1.67 17.37
C GLY B 191 1.49 -3.03 16.70
N SER B 192 0.27 -3.50 16.47
CA SER B 192 0.06 -4.78 15.77
C SER B 192 -0.28 -4.55 14.30
N TYR B 193 -0.36 -5.63 13.53
CA TYR B 193 -0.68 -5.48 12.12
C TYR B 193 -2.11 -5.88 11.80
N LEU B 194 -2.61 -5.33 10.70
CA LEU B 194 -3.88 -5.77 10.15
C LEU B 194 -3.68 -5.98 8.66
N ILE B 195 -4.49 -6.87 8.10
CA ILE B 195 -4.39 -7.16 6.68
C ILE B 195 -5.78 -7.50 6.15
N TYR B 196 -6.03 -7.13 4.90
CA TYR B 196 -7.31 -7.45 4.28
C TYR B 196 -7.08 -8.36 3.08
N SER B 197 -8.07 -9.16 2.76
CA SER B 197 -8.02 -9.96 1.54
C SER B 197 -9.37 -9.95 0.84
N LYS B 198 -9.35 -9.75 -0.47
CA LYS B 198 -10.57 -9.66 -1.25
C LYS B 198 -10.67 -10.80 -2.25
N LEU B 199 -11.68 -11.63 -2.06
CA LEU B 199 -11.98 -12.71 -2.98
C LEU B 199 -13.12 -12.31 -3.89
N ASN B 200 -12.89 -12.37 -5.20
CA ASN B 200 -13.93 -12.01 -6.17
C ASN B 200 -14.58 -13.21 -6.83
N MET B 201 -15.90 -13.13 -6.97
CA MET B 201 -16.65 -14.18 -7.62
C MET B 201 -17.92 -13.63 -8.24
N LYS B 202 -18.58 -14.43 -9.07
CA LYS B 202 -19.88 -14.05 -9.61
C LYS B 202 -20.96 -14.29 -8.56
N THR B 203 -21.99 -13.44 -8.57
CA THR B 203 -23.06 -13.52 -7.58
C THR B 203 -23.71 -14.90 -7.59
N SER B 204 -23.85 -15.47 -8.78
CA SER B 204 -24.40 -16.81 -8.91
C SER B 204 -23.60 -17.82 -8.11
N LYS B 205 -22.28 -17.77 -8.25
CA LYS B 205 -21.41 -18.69 -7.54
C LYS B 205 -21.53 -18.51 -6.02
N TRP B 206 -21.74 -17.26 -5.60
CA TRP B 206 -21.87 -16.93 -4.19
C TRP B 206 -23.16 -17.49 -3.60
N GLU B 207 -24.17 -17.66 -4.44
CA GLU B 207 -25.42 -18.26 -4.00
C GLU B 207 -25.42 -19.78 -4.12
N LYS B 208 -24.76 -20.31 -5.14
CA LYS B 208 -24.79 -21.74 -5.40
C LYS B 208 -23.84 -22.54 -4.51
N THR B 209 -22.72 -21.92 -4.14
CA THR B 209 -21.69 -22.59 -3.36
C THR B 209 -22.13 -22.74 -1.90
N ASP B 210 -21.73 -23.84 -1.27
CA ASP B 210 -22.10 -24.10 0.12
C ASP B 210 -21.48 -23.08 1.05
N SER B 211 -20.17 -22.93 0.97
CA SER B 211 -19.44 -22.04 1.87
C SER B 211 -18.06 -21.66 1.33
N PHE B 212 -17.49 -20.62 1.90
CA PHE B 212 -16.12 -20.21 1.58
C PHE B 212 -15.32 -20.01 2.86
N SER B 213 -14.00 -20.14 2.74
CA SER B 213 -13.14 -20.14 3.91
C SER B 213 -11.88 -19.29 3.74
N CYS B 214 -11.66 -18.41 4.71
CA CYS B 214 -10.43 -17.66 4.77
C CYS B 214 -9.49 -18.47 5.66
N ASN B 215 -8.34 -18.85 5.11
CA ASN B 215 -7.38 -19.64 5.85
C ASN B 215 -6.14 -18.84 6.21
N VAL B 216 -5.83 -18.77 7.49
CA VAL B 216 -4.74 -17.93 7.95
C VAL B 216 -3.63 -18.72 8.62
N ARG B 217 -2.40 -18.43 8.23
CA ARG B 217 -1.22 -19.02 8.85
C ARG B 217 -0.37 -17.94 9.51
N HIS B 218 -0.15 -18.09 10.81
CA HIS B 218 0.65 -17.16 11.59
C HIS B 218 1.29 -17.90 12.77
N GLU B 219 2.43 -17.42 13.24
CA GLU B 219 3.13 -18.15 14.30
C GLU B 219 2.46 -18.05 15.66
N GLY B 220 1.45 -17.20 15.78
CA GLY B 220 0.75 -17.01 17.02
C GLY B 220 -0.47 -17.90 17.18
N LEU B 221 -0.90 -18.55 16.11
CA LEU B 221 -2.06 -19.42 16.15
C LEU B 221 -1.65 -20.82 16.62
N LYS B 222 -2.60 -21.54 17.21
CA LYS B 222 -2.39 -22.93 17.55
C LYS B 222 -2.23 -23.72 16.27
N ASN B 223 -1.14 -24.47 16.18
CA ASN B 223 -0.79 -25.23 14.96
C ASN B 223 -0.50 -24.34 13.77
N TYR B 224 -0.21 -23.07 14.05
CA TYR B 224 0.10 -22.10 13.00
C TYR B 224 -1.03 -21.92 11.97
N TYR B 225 -2.26 -22.27 12.33
CA TYR B 225 -3.33 -22.28 11.34
C TYR B 225 -4.70 -21.97 11.95
N LEU B 226 -5.54 -21.30 11.16
CA LEU B 226 -6.89 -20.96 11.59
C LEU B 226 -7.78 -20.80 10.37
N LYS B 227 -8.98 -21.33 10.46
CA LYS B 227 -9.90 -21.35 9.34
C LYS B 227 -11.24 -20.70 9.69
N LYS B 228 -11.53 -19.55 9.10
CA LYS B 228 -12.86 -18.95 9.24
C LYS B 228 -13.73 -19.27 8.03
N THR B 229 -14.99 -19.61 8.29
CA THR B 229 -15.91 -19.98 7.23
C THR B 229 -17.17 -19.11 7.21
N ILE B 230 -17.66 -18.80 6.03
CA ILE B 230 -18.92 -18.10 5.86
C ILE B 230 -19.77 -18.86 4.84
N SER B 231 -21.08 -18.72 4.97
CA SER B 231 -22.01 -19.28 3.99
C SER B 231 -23.00 -18.19 3.61
N ARG B 232 -23.44 -18.20 2.37
CA ARG B 232 -24.49 -17.30 1.92
C ARG B 232 -25.82 -17.63 2.60
N SER B 233 -26.16 -18.92 2.64
CA SER B 233 -27.41 -19.38 3.25
C SER B 233 -27.16 -20.47 4.29
N PHE C 1 -18.81 19.96 4.77
CA PHE C 1 -17.87 20.14 3.66
C PHE C 1 -18.34 21.23 2.71
N ASN C 2 -17.45 22.16 2.37
CA ASN C 2 -17.82 23.25 1.48
C ASN C 2 -17.97 22.75 0.04
N MET C 3 -19.16 22.26 -0.27
CA MET C 3 -19.42 21.67 -1.56
C MET C 3 -19.54 22.73 -2.63
N GLN C 4 -19.84 23.95 -2.22
CA GLN C 4 -20.07 25.02 -3.17
C GLN C 4 -18.80 25.44 -3.89
N CYS C 5 -17.80 25.85 -3.14
CA CYS C 5 -16.54 26.31 -3.73
C CYS C 5 -15.84 25.18 -4.47
N GLN C 6 -15.96 23.96 -3.96
CA GLN C 6 -15.34 22.82 -4.62
C GLN C 6 -16.01 22.60 -5.96
N ARG C 7 -17.33 22.75 -5.99
CA ARG C 7 -18.10 22.55 -7.22
C ARG C 7 -17.89 23.70 -8.22
N ARG C 8 -17.73 24.91 -7.71
CA ARG C 8 -17.34 26.03 -8.56
C ARG C 8 -15.95 25.80 -9.12
N PHE C 9 -15.04 25.35 -8.25
CA PHE C 9 -13.70 25.02 -8.68
C PHE C 9 -13.72 23.99 -9.80
N TYR C 10 -14.50 22.94 -9.60
CA TYR C 10 -14.54 21.80 -10.50
C TYR C 10 -15.12 22.21 -11.85
N GLU C 11 -16.24 22.93 -11.79
CA GLU C 11 -16.91 23.46 -12.97
C GLU C 11 -16.02 24.42 -13.76
N ALA C 12 -15.29 25.27 -13.05
CA ALA C 12 -14.41 26.25 -13.69
C ALA C 12 -13.17 25.59 -14.28
N LEU C 13 -12.70 24.53 -13.63
CA LEU C 13 -11.53 23.79 -14.09
C LEU C 13 -11.80 23.11 -15.44
N HIS C 14 -13.07 22.81 -15.71
CA HIS C 14 -13.43 22.09 -16.93
C HIS C 14 -14.22 22.94 -17.92
N ASP C 15 -14.35 24.23 -17.65
CA ASP C 15 -15.09 25.15 -18.51
C ASP C 15 -14.33 25.42 -19.82
N PRO C 16 -14.92 25.01 -20.95
CA PRO C 16 -14.27 25.13 -22.27
C PRO C 16 -14.21 26.57 -22.79
N ASN C 17 -15.17 27.41 -22.39
CA ASN C 17 -15.27 28.77 -22.90
C ASN C 17 -14.30 29.75 -22.26
N LEU C 18 -13.36 29.26 -21.46
CA LEU C 18 -12.42 30.12 -20.76
C LEU C 18 -10.97 29.82 -21.17
N ASN C 19 -10.20 30.88 -21.39
CA ASN C 19 -8.79 30.74 -21.73
C ASN C 19 -7.95 30.59 -20.48
N GLU C 20 -6.69 30.17 -20.64
CA GLU C 20 -5.82 29.88 -19.51
C GLU C 20 -5.65 31.07 -18.58
N GLU C 21 -5.68 32.27 -19.14
CA GLU C 21 -5.57 33.49 -18.35
C GLU C 21 -6.84 33.71 -17.53
N GLN C 22 -7.99 33.48 -18.17
CA GLN C 22 -9.28 33.69 -17.53
C GLN C 22 -9.58 32.54 -16.56
N ARG C 23 -9.09 31.36 -16.87
CA ARG C 23 -9.26 30.20 -16.01
C ARG C 23 -8.57 30.45 -14.68
N ASN C 24 -7.27 30.74 -14.74
CA ASN C 24 -6.48 31.02 -13.55
C ASN C 24 -7.05 32.14 -12.67
N ALA C 25 -7.67 33.12 -13.32
CA ALA C 25 -8.26 34.25 -12.60
C ALA C 25 -9.55 33.84 -11.87
N LYS C 26 -10.36 33.03 -12.55
CA LYS C 26 -11.61 32.55 -11.97
C LYS C 26 -11.33 31.63 -10.80
N ILE C 27 -10.38 30.71 -11.01
CA ILE C 27 -9.97 29.79 -9.97
C ILE C 27 -9.41 30.54 -8.75
N LYS C 28 -8.53 31.50 -8.99
CA LYS C 28 -7.96 32.31 -7.92
C LYS C 28 -9.04 33.08 -7.17
N SER C 29 -10.08 33.53 -7.87
CA SER C 29 -11.20 34.22 -7.25
C SER C 29 -11.96 33.28 -6.31
N ILE C 30 -12.33 32.12 -6.83
CA ILE C 30 -13.00 31.09 -6.04
C ILE C 30 -12.12 30.69 -4.87
N ARG C 31 -10.84 30.47 -5.13
CA ARG C 31 -9.91 30.03 -4.11
C ARG C 31 -9.73 31.06 -3.01
N ASP C 32 -9.74 32.33 -3.38
CA ASP C 32 -9.53 33.40 -2.40
C ASP C 32 -10.81 33.81 -1.69
N ASP C 33 -11.92 33.84 -2.42
CA ASP C 33 -13.21 34.14 -1.82
C ASP C 33 -13.63 33.04 -0.85
N CYS C 34 -13.08 31.84 -1.06
CA CYS C 34 -13.39 30.69 -0.22
C CYS C 34 -12.39 29.55 -0.43
C1 NAG D . 17.30 7.21 0.87
C2 NAG D . 15.85 7.69 0.91
C3 NAG D . 15.00 6.92 -0.10
C4 NAG D . 15.64 6.96 -1.48
C5 NAG D . 17.12 6.56 -1.41
C6 NAG D . 17.85 6.74 -2.72
C7 NAG D . 14.63 8.50 2.88
C8 NAG D . 14.15 8.18 4.26
N2 NAG D . 15.30 7.53 2.26
O3 NAG D . 13.70 7.48 -0.15
O4 NAG D . 14.99 6.02 -2.35
O5 NAG D . 17.80 7.38 -0.44
O6 NAG D . 19.18 6.25 -2.64
O7 NAG D . 14.41 9.59 2.36
C1 BMA D . 14.02 6.64 -3.22
C2 BMA D . 14.11 6.04 -4.67
C3 BMA D . 12.88 6.40 -5.53
C4 BMA D . 11.57 6.26 -4.73
C5 BMA D . 11.66 7.07 -3.44
C6 BMA D . 10.41 7.00 -2.58
O2 BMA D . 14.17 4.61 -4.67
O3 BMA D . 12.80 5.59 -6.69
O4 BMA D . 10.49 6.72 -5.53
O5 BMA D . 12.73 6.55 -2.64
O6 BMA D . 10.66 7.72 -1.39
C1 MAN D . 13.34 6.30 -7.82
C2 MAN D . 12.62 5.86 -9.09
C3 MAN D . 12.96 4.39 -9.36
C4 MAN D . 14.49 4.20 -9.42
C5 MAN D . 15.13 4.74 -8.13
C6 MAN D . 16.64 4.72 -8.18
O2 MAN D . 13.11 6.58 -10.23
O3 MAN D . 12.33 3.89 -10.54
O4 MAN D . 14.80 2.82 -9.58
O5 MAN D . 14.71 6.11 -7.91
O6 MAN D . 17.12 5.35 -6.99
C1 NAG D . 12.00 7.26 -10.86
C2 NAG D . 12.47 8.00 -12.12
C3 NAG D . 11.28 8.70 -12.79
C4 NAG D . 10.15 7.72 -13.03
C5 NAG D . 9.78 7.01 -11.72
C6 NAG D . 8.72 5.95 -11.89
C7 NAG D . 14.80 8.78 -12.11
C8 NAG D . 15.74 9.87 -11.72
N2 NAG D . 13.51 8.97 -11.81
O3 NAG D . 11.71 9.27 -14.02
O4 NAG D . 9.00 8.41 -13.53
O5 NAG D . 10.94 6.36 -11.20
O6 NAG D . 7.83 5.92 -10.78
O7 NAG D . 15.19 7.76 -12.69
C1 MAN D . 9.47 7.75 -0.59
C2 MAN D . 9.55 8.92 0.40
C3 MAN D . 10.62 8.64 1.42
C4 MAN D . 10.35 7.28 2.10
C5 MAN D . 10.29 6.18 1.03
C6 MAN D . 9.92 4.82 1.60
O2 MAN D . 8.34 9.06 1.16
O3 MAN D . 10.69 9.65 2.41
O4 MAN D . 11.37 6.98 3.03
O5 MAN D . 9.27 6.52 0.05
O6 MAN D . 8.69 4.94 2.31
C1 NAG D . 7.50 10.08 0.60
C2 NAG D . 6.22 10.20 1.44
C3 NAG D . 5.31 11.29 0.87
C4 NAG D . 6.08 12.60 0.75
C5 NAG D . 7.35 12.39 -0.07
C6 NAG D . 8.21 13.63 -0.11
C7 NAG D . 5.80 7.98 2.41
C8 NAG D . 4.97 6.74 2.33
N2 NAG D . 5.52 8.93 1.51
O3 NAG D . 4.19 11.46 1.73
O4 NAG D . 5.26 13.58 0.12
O5 NAG D . 8.15 11.36 0.53
O6 NAG D . 8.09 14.39 1.08
O7 NAG D . 6.67 8.14 3.26
C1 NAG E . 20.00 -5.30 -13.24
C2 NAG E . 20.55 -4.28 -12.25
C3 NAG E . 20.61 -4.88 -10.84
C4 NAG E . 19.26 -5.48 -10.45
C5 NAG E . 18.72 -6.40 -11.54
C6 NAG E . 17.30 -6.79 -11.29
C7 NAG E . 22.12 -2.53 -12.93
C8 NAG E . 23.54 -2.22 -13.32
N2 NAG E . 21.87 -3.82 -12.65
O3 NAG E . 20.97 -3.85 -9.92
O4 NAG E . 19.39 -6.26 -9.27
O5 NAG E . 18.72 -5.72 -12.82
O6 NAG E . 16.55 -5.62 -10.98
O7 NAG E . 21.25 -1.67 -12.88
C1 NAG E . 18.78 -5.62 -8.13
C2 NAG E . 18.29 -6.72 -7.21
C3 NAG E . 17.67 -6.10 -5.94
C4 NAG E . 18.62 -5.08 -5.31
C5 NAG E . 19.15 -4.11 -6.35
C6 NAG E . 20.23 -3.20 -5.82
C7 NAG E . 17.58 -8.85 -8.17
C8 NAG E . 16.49 -9.58 -8.88
N2 NAG E . 17.33 -7.57 -7.88
O3 NAG E . 17.41 -7.15 -5.03
O4 NAG E . 17.92 -4.30 -4.34
O5 NAG E . 19.72 -4.81 -7.45
O6 NAG E . 20.24 -1.95 -6.50
O7 NAG E . 18.64 -9.39 -7.86
C1 BMA E . 17.90 -4.90 -3.05
C2 BMA E . 18.14 -3.80 -2.01
C3 BMA E . 17.90 -4.33 -0.61
C4 BMA E . 16.53 -5.02 -0.51
C5 BMA E . 16.42 -6.10 -1.60
C6 BMA E . 15.04 -6.72 -1.72
O2 BMA E . 17.17 -2.76 -2.16
O3 BMA E . 17.97 -3.27 0.35
O4 BMA E . 16.39 -5.62 0.75
O5 BMA E . 16.67 -5.52 -2.89
O6 BMA E . 15.11 -7.62 -2.80
C1 MAN E . 19.18 -3.35 1.11
C2 MAN E . 19.04 -2.48 2.35
C3 MAN E . 19.04 -1.02 1.94
C4 MAN E . 20.32 -0.70 1.16
C5 MAN E . 20.43 -1.63 -0.05
C6 MAN E . 21.75 -1.48 -0.81
O2 MAN E . 20.16 -2.64 3.20
O3 MAN E . 18.92 -0.14 3.05
O4 MAN E . 20.28 0.65 0.73
O5 MAN E . 20.33 -3.02 0.37
O6 MAN E . 21.54 -1.94 -2.14
C1 NAG E . 19.94 -3.79 4.02
C2 NAG E . 21.25 -4.53 4.27
C3 NAG E . 21.00 -5.73 5.17
C4 NAG E . 20.29 -5.31 6.44
C5 NAG E . 19.03 -4.52 6.11
C6 NAG E . 18.35 -3.93 7.33
C7 NAG E . 22.91 -4.28 2.50
C8 NAG E . 23.44 -4.83 1.20
N2 NAG E . 21.88 -4.92 3.03
O3 NAG E . 22.23 -6.37 5.48
O4 NAG E . 19.94 -6.45 7.22
O5 NAG E . 19.36 -3.41 5.26
O6 NAG E . 18.15 -2.53 7.18
O7 NAG E . 23.42 -3.29 3.02
C1 MAN E . 13.80 -8.15 -3.09
C2 MAN E . 13.99 -9.41 -3.90
C3 MAN E . 14.47 -9.05 -5.34
C4 MAN E . 13.58 -7.98 -5.98
C5 MAN E . 13.44 -6.77 -5.03
C6 MAN E . 12.45 -5.74 -5.52
O2 MAN E . 12.76 -10.10 -4.03
O3 MAN E . 14.55 -10.18 -6.22
O4 MAN E . 14.18 -7.55 -7.20
O5 MAN E . 12.98 -7.22 -3.74
O6 MAN E . 12.74 -4.51 -4.88
C1 NAG E . 12.73 -11.19 -3.10
C2 NAG E . 11.28 -11.71 -2.99
C3 NAG E . 11.21 -12.94 -2.09
C4 NAG E . 12.21 -13.99 -2.55
C5 NAG E . 13.61 -13.37 -2.60
C6 NAG E . 14.68 -14.32 -3.07
C7 NAG E . 9.89 -9.71 -3.27
C8 NAG E . 9.00 -8.71 -2.59
N2 NAG E . 10.39 -10.67 -2.50
O3 NAG E . 9.90 -13.48 -2.12
O4 NAG E . 12.22 -15.11 -1.68
O5 NAG E . 13.59 -12.25 -3.50
O6 NAG E . 14.52 -14.66 -4.45
O7 NAG E . 10.12 -9.65 -4.48
C1 FUC E . 15.33 -6.01 -10.36
C2 FUC E . 14.59 -4.82 -9.81
C3 FUC E . 14.25 -3.88 -10.95
C4 FUC E . 13.39 -4.61 -11.97
C5 FUC E . 14.06 -5.92 -12.39
C6 FUC E . 13.14 -6.87 -13.15
O2 FUC E . 15.33 -4.15 -8.79
O3 FUC E . 13.45 -2.80 -10.45
O4 FUC E . 12.14 -4.88 -11.37
O5 FUC E . 14.55 -6.70 -11.28
#